data_7LOL
#
_entry.id   7LOL
#
_cell.length_a   81.746
_cell.length_b   81.746
_cell.length_c   207.436
_cell.angle_alpha   90.000
_cell.angle_beta   90.000
_cell.angle_gamma   120.000
#
_symmetry.space_group_name_H-M   'H 3 2'
#
loop_
_entity.id
_entity.type
_entity.pdbx_description
1 polymer Agmatinase
2 non-polymer AGMATINE
3 non-polymer 'MANGANESE (II) ION'
4 non-polymer UREA
5 non-polymer 2-AMINO-2-HYDROXYMETHYL-PROPANE-1,3-DIOL
6 water water
#
_entity_poly.entity_id   1
_entity_poly.type   'polypeptide(L)'
_entity_poly.pdbx_seq_one_letter_code
;MSTLGHQYDNSLVSNAFGFLRLPMNFQPYDSDADWVITGVPFDMATSGRAGGRHGPAAIRQVSTNLAWEHNRFPWNFDMR
ERLNVVDCGDLVYAFGDAREMSEKLQAHAEKLLAAGKRMLSFGGDHFVTLPLLRAHAKHFGKMALVHFDAHTDTYANGCE
FDHGTMFYTAPKEGLIDPNHSVQIGIRTEFDKDNGFTVLDACQVNDRSVDDVIAQVKQIVGDMPVYLTFDIDCLDPAFAP
GTGTPVIGGLTSDRAIKLVRGLKDLNIVGMDVVEVAPAYDQSEITALAAATLALEMLYIQAAKKGE
;
_entity_poly.pdbx_strand_id   A
#
# COMPACT_ATOMS: atom_id res chain seq x y z
N SER A 11 21.38 20.94 -17.92
CA SER A 11 20.93 20.74 -16.51
C SER A 11 22.04 20.02 -15.73
N LEU A 12 22.62 20.70 -14.75
CA LEU A 12 23.77 20.13 -14.03
C LEU A 12 23.21 19.45 -12.78
N VAL A 13 22.16 20.03 -12.22
CA VAL A 13 21.40 19.46 -11.06
C VAL A 13 19.95 19.30 -11.52
N SER A 14 19.15 18.42 -10.89
CA SER A 14 17.84 18.23 -11.53
C SER A 14 16.70 17.84 -10.59
N ASN A 15 15.49 18.05 -11.10
CA ASN A 15 14.27 17.64 -10.39
C ASN A 15 14.00 16.19 -10.78
N ALA A 16 14.76 15.28 -10.19
CA ALA A 16 14.65 13.83 -10.39
C ALA A 16 15.15 13.25 -9.09
N PHE A 17 14.51 13.66 -8.01
CA PHE A 17 14.97 13.34 -6.63
C PHE A 17 14.02 12.45 -5.86
N GLY A 18 12.89 12.05 -6.46
CA GLY A 18 11.89 11.23 -5.76
C GLY A 18 11.93 9.76 -6.08
N PHE A 19 10.86 9.08 -5.74
CA PHE A 19 10.75 7.64 -6.01
C PHE A 19 11.06 7.35 -7.48
N LEU A 20 11.94 6.37 -7.71
CA LEU A 20 12.36 5.97 -9.06
C LEU A 20 12.96 7.15 -9.84
N ARG A 21 13.52 8.13 -9.14
CA ARG A 21 14.05 9.36 -9.75
C ARG A 21 12.99 10.12 -10.53
N LEU A 22 11.73 9.98 -10.12
CA LEU A 22 10.64 10.73 -10.81
C LEU A 22 10.69 12.20 -10.37
N PRO A 23 10.11 13.12 -11.15
CA PRO A 23 10.16 14.52 -10.78
C PRO A 23 9.38 14.81 -9.50
N MET A 24 9.90 15.70 -8.66
CA MET A 24 9.14 16.10 -7.46
C MET A 24 8.21 17.24 -7.90
N ASN A 25 7.04 17.27 -7.30
CA ASN A 25 6.09 18.38 -7.53
C ASN A 25 5.41 18.64 -6.18
N PHE A 26 5.77 19.72 -5.51
CA PHE A 26 5.21 20.02 -4.17
C PHE A 26 3.83 20.68 -4.29
N GLN A 27 3.35 20.90 -5.51
CA GLN A 27 2.01 21.44 -5.75
C GLN A 27 1.29 20.52 -6.73
N PRO A 28 1.00 19.27 -6.31
CA PRO A 28 0.52 18.26 -7.27
C PRO A 28 -0.92 18.43 -7.70
N TYR A 29 -1.75 19.15 -6.94
CA TYR A 29 -3.20 19.08 -7.11
C TYR A 29 -3.64 19.60 -8.47
N ASP A 30 -2.95 20.60 -9.00
CA ASP A 30 -3.32 21.16 -10.32
C ASP A 30 -2.24 20.89 -11.36
N SER A 31 -1.48 19.84 -11.20
CA SER A 31 -0.43 19.46 -12.11
C SER A 31 -1.02 18.60 -13.23
N ASP A 32 -0.16 18.19 -14.17
CA ASP A 32 -0.54 17.27 -15.23
C ASP A 32 -0.35 15.80 -14.82
N ALA A 33 -0.12 15.51 -13.55
CA ALA A 33 0.15 14.15 -13.14
C ALA A 33 -1.10 13.28 -13.25
N ASP A 34 -0.89 12.01 -13.59
CA ASP A 34 -1.93 11.00 -13.49
C ASP A 34 -1.92 10.35 -12.12
N TRP A 35 -0.73 10.02 -11.63
CA TRP A 35 -0.52 9.41 -10.33
C TRP A 35 0.44 10.27 -9.52
N VAL A 36 0.18 10.35 -8.23
CA VAL A 36 0.97 11.17 -7.29
C VAL A 36 1.42 10.30 -6.13
N ILE A 37 2.71 10.33 -5.81
CA ILE A 37 3.24 9.55 -4.71
C ILE A 37 3.35 10.48 -3.50
N THR A 38 2.83 10.00 -2.39
CA THR A 38 2.88 10.76 -1.13
C THR A 38 3.52 9.90 -0.04
N GLY A 39 4.44 10.47 0.70
CA GLY A 39 5.05 9.77 1.84
C GLY A 39 4.35 10.16 3.12
N VAL A 40 4.03 9.20 3.98
CA VAL A 40 3.40 9.50 5.30
C VAL A 40 4.21 8.81 6.39
N PRO A 41 5.33 9.40 6.84
CA PRO A 41 6.17 8.80 7.87
C PRO A 41 5.55 8.96 9.27
N PHE A 42 4.39 8.37 9.45
CA PHE A 42 3.57 8.42 10.68
C PHE A 42 3.83 7.16 11.47
N ASP A 43 4.01 7.37 12.75
CA ASP A 43 4.21 6.25 13.70
C ASP A 43 3.38 6.48 14.96
N MET A 44 3.06 5.40 15.66
CA MET A 44 2.38 5.49 16.98
C MET A 44 2.95 4.40 17.88
N ALA A 45 2.90 4.66 19.19
CA ALA A 45 3.33 3.69 20.23
C ALA A 45 2.54 2.40 20.03
N THR A 46 3.24 1.27 20.02
CA THR A 46 2.63 -0.06 19.80
C THR A 46 3.04 -1.00 20.93
N SER A 47 2.49 -2.21 20.94
CA SER A 47 2.88 -3.18 21.99
C SER A 47 4.24 -3.79 21.62
N GLY A 48 4.62 -3.64 20.35
CA GLY A 48 5.89 -4.18 19.82
C GLY A 48 6.82 -3.08 19.40
N ARG A 49 7.51 -3.25 18.29
CA ARG A 49 8.44 -2.18 17.84
C ARG A 49 7.66 -1.06 17.12
N ALA A 50 8.29 0.10 17.06
CA ALA A 50 7.75 1.28 16.35
C ALA A 50 8.28 1.23 14.91
N GLY A 51 7.48 1.69 13.95
CA GLY A 51 7.88 1.73 12.54
C GLY A 51 8.93 2.80 12.26
N GLY A 52 8.89 3.90 12.99
CA GLY A 52 9.89 4.96 12.73
C GLY A 52 9.38 5.99 11.74
N ARG A 53 10.24 6.90 11.35
CA ARG A 53 9.87 8.02 10.46
C ARG A 53 10.62 7.98 9.13
N HIS A 54 11.16 6.83 8.72
CA HIS A 54 11.94 6.85 7.46
C HIS A 54 11.49 5.78 6.45
N GLY A 55 10.33 5.17 6.64
CA GLY A 55 9.94 4.16 5.66
C GLY A 55 9.84 4.73 4.27
N PRO A 56 9.10 5.90 3.90
CA PRO A 56 8.95 6.80 2.48
C PRO A 56 10.44 7.00 2.13
N ALA A 57 11.32 7.40 3.06
CA ALA A 57 12.65 7.78 2.58
C ALA A 57 13.45 6.56 2.14
N ALA A 58 13.34 5.45 2.89
CA ALA A 58 14.09 4.25 2.56
C ALA A 58 13.61 3.65 1.25
N ILE A 59 12.29 3.67 1.01
CA ILE A 59 11.73 3.17 -0.23
C ILE A 59 12.22 4.00 -1.41
N ARG A 60 12.17 5.33 -1.27
CA ARG A 60 12.64 6.21 -2.33
C ARG A 60 14.11 5.96 -2.65
N GLN A 61 14.93 5.93 -1.61
CA GLN A 61 16.39 5.76 -1.78
C GLN A 61 16.72 4.46 -2.53
N VAL A 62 16.20 3.35 -2.07
CA VAL A 62 16.54 2.04 -2.70
C VAL A 62 15.92 1.93 -4.10
N SER A 63 14.88 2.71 -4.40
CA SER A 63 14.20 2.54 -5.67
C SER A 63 15.06 2.89 -6.86
N THR A 64 16.21 3.54 -6.66
CA THR A 64 17.13 3.78 -7.76
C THR A 64 17.63 2.48 -8.39
N ASN A 65 17.59 1.37 -7.63
CA ASN A 65 17.94 0.07 -8.17
C ASN A 65 17.03 -0.34 -9.31
N LEU A 66 15.82 0.21 -9.36
CA LEU A 66 14.84 -0.15 -10.38
C LEU A 66 14.77 0.85 -11.54
N ALA A 67 15.30 2.07 -11.35
CA ALA A 67 15.08 3.14 -12.31
C ALA A 67 15.83 2.94 -13.62
N TRP A 68 16.93 2.18 -13.63
CA TRP A 68 17.71 2.01 -14.85
C TRP A 68 17.01 1.14 -15.87
N GLU A 69 16.08 0.32 -15.45
CA GLU A 69 15.36 -0.53 -16.42
C GLU A 69 14.39 0.35 -17.22
N HIS A 70 14.57 0.47 -18.54
CA HIS A 70 13.62 1.30 -19.32
C HIS A 70 12.23 0.64 -19.29
N ASN A 71 12.14 -0.64 -19.60
CA ASN A 71 10.90 -1.44 -19.48
C ASN A 71 11.16 -2.40 -18.31
N ARG A 72 10.59 -2.11 -17.16
CA ARG A 72 10.82 -2.94 -16.00
C ARG A 72 10.38 -4.38 -16.25
N PHE A 73 11.25 -5.33 -15.92
CA PHE A 73 10.96 -6.77 -16.10
C PHE A 73 9.67 -7.12 -15.34
N PRO A 74 8.74 -7.91 -15.91
CA PRO A 74 8.85 -8.51 -17.24
C PRO A 74 8.03 -7.78 -18.31
N TRP A 75 7.68 -6.53 -18.07
CA TRP A 75 6.82 -5.77 -19.00
C TRP A 75 7.50 -5.40 -20.32
N ASN A 76 6.69 -5.25 -21.35
CA ASN A 76 7.20 -4.87 -22.67
C ASN A 76 6.90 -3.41 -23.00
N PHE A 77 6.75 -2.58 -21.98
CA PHE A 77 6.60 -1.15 -22.16
C PHE A 77 7.25 -0.45 -20.97
N ASP A 78 7.38 0.87 -21.07
CA ASP A 78 7.91 1.69 -19.98
C ASP A 78 6.74 2.41 -19.33
N MET A 79 6.47 2.08 -18.06
CA MET A 79 5.40 2.75 -17.33
C MET A 79 5.47 4.27 -17.47
N ARG A 80 6.69 4.82 -17.50
CA ARG A 80 6.88 6.27 -17.52
C ARG A 80 6.45 6.91 -18.82
N GLU A 81 6.27 6.11 -19.86
CA GLU A 81 5.79 6.61 -21.15
C GLU A 81 4.28 6.48 -21.29
N ARG A 82 3.62 5.81 -20.36
CA ARG A 82 2.17 5.71 -20.35
C ARG A 82 1.51 6.55 -19.26
N LEU A 83 2.20 6.77 -18.14
CA LEU A 83 1.66 7.45 -16.98
C LEU A 83 2.56 8.61 -16.61
N ASN A 84 1.95 9.73 -16.22
CA ASN A 84 2.66 10.89 -15.71
C ASN A 84 2.64 10.79 -14.18
N VAL A 85 3.76 10.38 -13.59
CA VAL A 85 3.85 10.13 -12.15
C VAL A 85 4.78 11.17 -11.54
N VAL A 86 4.34 11.80 -10.44
CA VAL A 86 5.17 12.73 -9.70
C VAL A 86 5.19 12.32 -8.24
N ASP A 87 6.20 12.80 -7.54
CA ASP A 87 6.37 12.53 -6.09
C ASP A 87 6.17 13.87 -5.38
N CYS A 88 5.16 13.99 -4.52
CA CYS A 88 4.89 15.29 -3.87
C CYS A 88 5.58 15.38 -2.51
N GLY A 89 6.46 14.43 -2.20
CA GLY A 89 7.14 14.51 -0.90
C GLY A 89 6.34 13.88 0.21
N ASP A 90 6.48 14.42 1.41
CA ASP A 90 5.86 13.85 2.60
C ASP A 90 4.78 14.79 3.16
N LEU A 91 3.76 14.18 3.77
CA LEU A 91 2.71 14.95 4.46
C LEU A 91 3.35 15.64 5.67
N VAL A 92 3.14 16.93 5.84
CA VAL A 92 3.75 17.66 6.99
C VAL A 92 3.21 17.15 8.32
N TYR A 93 1.94 16.76 8.38
CA TYR A 93 1.33 16.34 9.67
C TYR A 93 1.54 14.85 9.99
N ALA A 94 2.39 14.16 9.26
CA ALA A 94 2.68 12.76 9.62
C ALA A 94 3.37 12.73 10.99
N PHE A 95 3.88 13.87 11.45
CA PHE A 95 4.58 13.96 12.74
C PHE A 95 3.61 14.33 13.87
N GLY A 96 2.34 14.46 13.55
CA GLY A 96 1.31 14.75 14.56
C GLY A 96 0.77 13.47 15.16
N ASP A 97 -0.27 13.56 16.00
CA ASP A 97 -0.87 12.32 16.53
C ASP A 97 -1.82 11.72 15.49
N ALA A 98 -2.36 10.54 15.79
CA ALA A 98 -3.23 9.84 14.83
C ALA A 98 -4.37 10.74 14.32
N ARG A 99 -4.90 11.61 15.16
CA ARG A 99 -6.04 12.44 14.70
C ARG A 99 -5.54 13.53 13.75
N GLU A 100 -4.49 14.24 14.16
CA GLU A 100 -3.98 15.33 13.33
C GLU A 100 -3.49 14.83 11.98
N MET A 101 -2.79 13.70 12.00
CA MET A 101 -2.30 13.11 10.74
C MET A 101 -3.51 12.75 9.86
N SER A 102 -4.51 12.11 10.45
CA SER A 102 -5.67 11.65 9.67
C SER A 102 -6.39 12.81 9.01
N GLU A 103 -6.61 13.89 9.76
CA GLU A 103 -7.31 15.05 9.21
C GLU A 103 -6.57 15.62 8.01
N LYS A 104 -5.25 15.79 8.13
CA LYS A 104 -4.48 16.39 7.04
C LYS A 104 -4.34 15.42 5.87
N LEU A 105 -4.16 14.14 6.16
CA LEU A 105 -3.99 13.18 5.04
C LEU A 105 -5.29 13.08 4.26
N GLN A 106 -6.42 12.99 4.96
CA GLN A 106 -7.67 12.90 4.23
C GLN A 106 -7.91 14.15 3.39
N ALA A 107 -7.54 15.32 3.93
CA ALA A 107 -7.68 16.56 3.18
C ALA A 107 -6.79 16.55 1.94
N HIS A 108 -5.53 16.12 2.12
CA HIS A 108 -4.61 15.99 0.99
C HIS A 108 -5.19 15.06 -0.07
N ALA A 109 -5.69 13.90 0.36
CA ALA A 109 -6.20 12.91 -0.57
C ALA A 109 -7.45 13.40 -1.28
N GLU A 110 -8.41 13.98 -0.54
CA GLU A 110 -9.60 14.49 -1.19
C GLU A 110 -9.26 15.51 -2.26
N LYS A 111 -8.31 16.40 -1.98
CA LYS A 111 -7.94 17.42 -2.95
C LYS A 111 -7.36 16.79 -4.22
N LEU A 112 -6.54 15.74 -4.07
CA LEU A 112 -5.99 15.07 -5.23
C LEU A 112 -7.06 14.30 -6.00
N LEU A 113 -7.92 13.55 -5.30
CA LEU A 113 -8.90 12.74 -6.01
C LEU A 113 -9.92 13.62 -6.72
N ALA A 114 -10.34 14.70 -6.06
CA ALA A 114 -11.26 15.65 -6.70
C ALA A 114 -10.66 16.23 -7.97
N ALA A 115 -9.34 16.37 -8.02
CA ALA A 115 -8.69 16.92 -9.19
C ALA A 115 -8.49 15.88 -10.29
N GLY A 116 -8.88 14.64 -10.06
CA GLY A 116 -8.70 13.57 -11.02
C GLY A 116 -7.37 12.84 -10.94
N LYS A 117 -6.56 13.12 -9.93
CA LYS A 117 -5.33 12.36 -9.69
C LYS A 117 -5.65 11.09 -8.95
N ARG A 118 -4.75 10.11 -9.07
CA ARG A 118 -4.82 8.91 -8.24
C ARG A 118 -3.53 8.80 -7.43
N MET A 119 -3.56 7.95 -6.40
CA MET A 119 -2.56 8.00 -5.35
C MET A 119 -1.90 6.65 -5.14
N LEU A 120 -0.57 6.68 -5.07
CA LEU A 120 0.25 5.62 -4.48
C LEU A 120 0.90 6.23 -3.26
N SER A 121 0.60 5.70 -2.08
CA SER A 121 1.09 6.29 -0.83
C SER A 121 1.98 5.29 -0.10
N PHE A 122 2.96 5.82 0.61
CA PHE A 122 3.89 4.99 1.38
C PHE A 122 3.81 5.34 2.86
N GLY A 123 3.64 4.32 3.70
CA GLY A 123 3.71 4.47 5.16
C GLY A 123 5.13 4.24 5.65
N GLY A 124 5.38 4.29 6.95
CA GLY A 124 4.40 4.71 7.96
C GLY A 124 3.58 3.55 8.47
N ASP A 125 2.96 3.76 9.63
CA ASP A 125 2.08 2.74 10.23
C ASP A 125 0.90 2.49 9.30
N HIS A 126 0.30 1.31 9.38
CA HIS A 126 -0.86 0.89 8.55
C HIS A 126 -2.12 1.75 8.80
N PHE A 127 -2.09 2.50 9.90
CA PHE A 127 -3.21 3.39 10.28
C PHE A 127 -3.43 4.45 9.21
N VAL A 128 -2.39 4.73 8.41
CA VAL A 128 -2.50 5.76 7.34
C VAL A 128 -3.55 5.37 6.30
N THR A 129 -3.78 4.09 6.08
CA THR A 129 -4.82 3.61 5.15
C THR A 129 -6.23 4.06 5.56
N LEU A 130 -6.53 4.26 6.85
CA LEU A 130 -7.90 4.63 7.16
C LEU A 130 -8.25 6.02 6.62
N PRO A 131 -7.50 7.09 6.90
CA PRO A 131 -7.80 8.36 6.22
C PRO A 131 -7.79 8.27 4.70
N LEU A 132 -6.91 7.46 4.12
CA LEU A 132 -6.93 7.32 2.66
C LEU A 132 -8.25 6.70 2.20
N LEU A 133 -8.75 5.68 2.92
CA LEU A 133 -10.00 5.05 2.52
C LEU A 133 -11.17 6.00 2.66
N ARG A 134 -11.15 6.86 3.68
CA ARG A 134 -12.23 7.84 3.83
C ARG A 134 -12.30 8.76 2.61
N ALA A 135 -11.15 9.24 2.14
CA ALA A 135 -11.13 10.11 0.97
C ALA A 135 -11.50 9.32 -0.29
N HIS A 136 -11.01 8.08 -0.41
CA HIS A 136 -11.28 7.32 -1.63
C HIS A 136 -12.76 6.96 -1.76
N ALA A 137 -13.40 6.64 -0.64
CA ALA A 137 -14.83 6.28 -0.66
C ALA A 137 -15.66 7.46 -1.14
N LYS A 138 -15.27 8.67 -0.78
CA LYS A 138 -15.99 9.86 -1.21
C LYS A 138 -15.95 10.00 -2.73
N HIS A 139 -14.84 9.66 -3.36
CA HIS A 139 -14.71 9.88 -4.79
C HIS A 139 -15.16 8.67 -5.60
N PHE A 140 -14.82 7.46 -5.14
CA PHE A 140 -15.07 6.24 -5.91
C PHE A 140 -16.27 5.43 -5.42
N GLY A 141 -16.79 5.74 -4.23
CA GLY A 141 -17.87 4.93 -3.67
C GLY A 141 -17.32 3.80 -2.81
N LYS A 142 -18.19 3.01 -2.18
CA LYS A 142 -17.71 1.90 -1.31
C LYS A 142 -16.82 0.98 -2.15
N MET A 143 -15.69 0.57 -1.59
CA MET A 143 -14.70 -0.20 -2.32
C MET A 143 -14.58 -1.62 -1.78
N ALA A 144 -14.04 -2.48 -2.64
CA ALA A 144 -13.50 -3.76 -2.21
C ALA A 144 -12.06 -3.54 -1.78
N LEU A 145 -11.69 -4.13 -0.65
CA LEU A 145 -10.31 -4.02 -0.16
C LEU A 145 -9.55 -5.27 -0.56
N VAL A 146 -8.40 -5.09 -1.19
CA VAL A 146 -7.43 -6.17 -1.35
C VAL A 146 -6.25 -5.84 -0.44
N HIS A 147 -6.03 -6.70 0.54
CA HIS A 147 -5.23 -6.40 1.73
C HIS A 147 -4.21 -7.50 1.91
N PHE A 148 -2.92 -7.19 1.70
CA PHE A 148 -1.82 -8.12 2.00
C PHE A 148 -1.25 -7.79 3.37
N ASP A 149 -1.14 -8.79 4.25
CA ASP A 149 -0.77 -8.55 5.64
C ASP A 149 -0.59 -9.90 6.33
N ALA A 150 0.22 -9.92 7.38
CA ALA A 150 0.15 -11.04 8.32
C ALA A 150 -0.96 -10.87 9.36
N HIS A 151 -1.55 -9.68 9.42
CA HIS A 151 -2.54 -9.29 10.41
C HIS A 151 -3.80 -8.78 9.73
N THR A 152 -4.97 -9.11 10.30
CA THR A 152 -6.23 -8.64 9.69
C THR A 152 -6.56 -7.19 10.04
N ASP A 153 -6.05 -6.66 11.15
CA ASP A 153 -6.30 -5.27 11.53
C ASP A 153 -7.79 -4.97 11.60
N THR A 154 -8.54 -5.88 12.23
CA THR A 154 -10.00 -5.72 12.41
C THR A 154 -10.33 -5.70 13.90
N TYR A 155 -9.40 -5.27 14.74
CA TYR A 155 -9.62 -5.27 16.20
C TYR A 155 -10.84 -4.40 16.50
N ALA A 156 -11.77 -4.93 17.28
CA ALA A 156 -13.04 -4.22 17.50
C ALA A 156 -13.18 -3.74 18.93
N ASN A 157 -12.15 -3.92 19.74
CA ASN A 157 -12.29 -3.53 21.17
C ASN A 157 -11.34 -2.41 21.56
N GLY A 158 -10.58 -1.86 20.63
CA GLY A 158 -9.68 -0.74 20.95
C GLY A 158 -10.34 0.58 20.61
N CYS A 159 -9.65 1.72 20.77
CA CYS A 159 -10.23 3.04 20.35
CA CYS A 159 -10.21 3.05 20.36
C CYS A 159 -10.14 3.42 18.83
N GLU A 160 -10.72 4.60 18.57
CA GLU A 160 -10.94 4.98 17.15
C GLU A 160 -9.60 5.24 16.45
N PHE A 161 -8.56 5.60 17.20
CA PHE A 161 -7.22 5.91 16.64
C PHE A 161 -6.17 4.87 16.99
N ASP A 162 -6.58 3.69 17.43
CA ASP A 162 -5.61 2.65 17.80
C ASP A 162 -5.05 1.90 16.58
N HIS A 163 -3.80 1.47 16.71
CA HIS A 163 -3.11 0.62 15.72
C HIS A 163 -3.89 -0.69 15.58
N GLY A 164 -4.07 -1.16 14.36
CA GLY A 164 -4.70 -2.46 14.17
C GLY A 164 -6.21 -2.48 14.19
N THR A 165 -6.88 -1.33 14.14
CA THR A 165 -8.34 -1.24 14.16
C THR A 165 -8.94 -0.75 12.86
N MET A 166 -8.11 -0.44 11.85
CA MET A 166 -8.58 0.30 10.68
C MET A 166 -9.70 -0.42 9.95
N PHE A 167 -9.63 -1.75 9.88
CA PHE A 167 -10.58 -2.49 9.08
C PHE A 167 -11.70 -3.09 9.92
N TYR A 168 -11.80 -2.67 11.18
CA TYR A 168 -13.09 -2.64 11.87
C TYR A 168 -13.83 -1.34 11.58
N THR A 169 -13.14 -0.20 11.68
CA THR A 169 -13.75 1.10 11.48
C THR A 169 -14.22 1.31 10.04
N ALA A 170 -13.40 0.92 9.07
CA ALA A 170 -13.73 1.17 7.65
C ALA A 170 -15.07 0.55 7.25
N PRO A 171 -15.34 -0.73 7.53
CA PRO A 171 -16.64 -1.31 7.19
C PRO A 171 -17.77 -0.61 7.95
N LYS A 172 -17.52 -0.26 9.21
CA LYS A 172 -18.55 0.41 10.04
C LYS A 172 -18.92 1.75 9.41
N GLU A 173 -17.95 2.46 8.85
CA GLU A 173 -18.23 3.74 8.20
C GLU A 173 -18.68 3.57 6.76
N GLY A 174 -18.83 2.34 6.30
CA GLY A 174 -19.29 2.10 4.91
C GLY A 174 -18.23 2.44 3.86
N LEU A 175 -16.95 2.48 4.23
CA LEU A 175 -15.91 2.81 3.26
C LEU A 175 -15.56 1.64 2.37
N ILE A 176 -15.61 0.42 2.92
CA ILE A 176 -15.36 -0.79 2.17
C ILE A 176 -16.48 -1.77 2.44
N ASP A 177 -16.63 -2.68 1.49
CA ASP A 177 -17.57 -3.80 1.64
C ASP A 177 -16.73 -4.99 2.09
N PRO A 178 -16.79 -5.43 3.36
CA PRO A 178 -15.99 -6.56 3.83
C PRO A 178 -16.30 -7.85 3.06
N ASN A 179 -17.56 -8.04 2.69
CA ASN A 179 -18.04 -9.23 1.95
C ASN A 179 -17.37 -9.35 0.58
N HIS A 180 -16.88 -8.26 0.00
CA HIS A 180 -16.16 -8.35 -1.25
C HIS A 180 -14.67 -8.04 -1.07
N SER A 181 -14.16 -8.14 0.15
CA SER A 181 -12.77 -7.86 0.45
C SER A 181 -12.04 -9.14 0.80
N VAL A 182 -10.73 -9.16 0.52
CA VAL A 182 -9.91 -10.35 0.68
C VAL A 182 -8.62 -9.94 1.40
N GLN A 183 -8.18 -10.77 2.35
CA GLN A 183 -7.00 -10.52 3.16
C GLN A 183 -6.05 -11.69 2.96
N ILE A 184 -4.84 -11.40 2.45
CA ILE A 184 -3.94 -12.40 1.87
C ILE A 184 -2.65 -12.42 2.69
N GLY A 185 -2.27 -13.62 3.14
CA GLY A 185 -1.05 -13.79 3.93
C GLY A 185 -1.28 -13.83 5.42
N ILE A 186 -2.51 -13.69 5.86
CA ILE A 186 -2.84 -13.69 7.32
C ILE A 186 -2.26 -14.93 8.00
N ARG A 187 -1.58 -14.73 9.10
CA ARG A 187 -0.98 -15.84 9.86
C ARG A 187 -0.95 -15.52 11.35
N THR A 188 -1.89 -14.69 11.79
CA THR A 188 -2.12 -14.31 13.20
C THR A 188 -3.63 -14.45 13.48
N GLU A 189 -4.01 -14.47 14.75
CA GLU A 189 -5.41 -14.70 15.13
C GLU A 189 -6.35 -13.75 14.40
N PHE A 190 -7.41 -14.30 13.81
CA PHE A 190 -8.39 -13.48 13.12
C PHE A 190 -9.81 -13.97 13.42
N ASP A 191 -10.78 -13.11 13.11
CA ASP A 191 -12.20 -13.40 13.34
C ASP A 191 -12.82 -13.93 12.04
N LYS A 192 -13.21 -15.20 12.04
CA LYS A 192 -13.70 -15.88 10.85
C LYS A 192 -15.04 -15.36 10.34
N ASP A 193 -15.81 -14.61 11.15
CA ASP A 193 -17.19 -14.32 10.79
C ASP A 193 -17.46 -12.84 10.52
N ASN A 194 -16.43 -12.05 10.23
CA ASN A 194 -16.64 -10.62 10.02
C ASN A 194 -16.87 -10.25 8.56
N GLY A 195 -16.94 -11.24 7.66
CA GLY A 195 -17.25 -11.00 6.28
C GLY A 195 -16.05 -10.97 5.36
N PHE A 196 -14.90 -10.52 5.85
CA PHE A 196 -13.68 -10.61 5.06
C PHE A 196 -13.40 -12.07 4.70
N THR A 197 -12.85 -12.29 3.52
CA THR A 197 -12.32 -13.60 3.15
C THR A 197 -10.84 -13.60 3.45
N VAL A 198 -10.42 -14.49 4.35
CA VAL A 198 -9.03 -14.59 4.76
C VAL A 198 -8.39 -15.74 3.99
N LEU A 199 -7.45 -15.40 3.12
CA LEU A 199 -6.58 -16.36 2.45
C LEU A 199 -5.27 -16.39 3.22
N ASP A 200 -5.20 -17.26 4.22
CA ASP A 200 -4.07 -17.29 5.14
C ASP A 200 -2.79 -17.75 4.43
N ALA A 201 -1.65 -17.39 5.03
CA ALA A 201 -0.36 -17.68 4.39
C ALA A 201 -0.14 -19.17 4.19
N CYS A 202 -0.65 -20.00 5.08
CA CYS A 202 -0.47 -21.46 4.91
C CYS A 202 -1.04 -21.90 3.56
N GLN A 203 -2.30 -21.58 3.29
CA GLN A 203 -2.92 -22.01 2.00
C GLN A 203 -2.36 -21.22 0.83
N VAL A 204 -2.03 -19.95 1.01
CA VAL A 204 -1.50 -19.17 -0.10
C VAL A 204 -0.14 -19.73 -0.53
N ASN A 205 0.68 -20.16 0.44
CA ASN A 205 1.96 -20.76 0.08
C ASN A 205 1.81 -22.13 -0.58
N ASP A 206 0.69 -22.83 -0.34
CA ASP A 206 0.48 -24.17 -0.89
C ASP A 206 -0.27 -24.19 -2.21
N ARG A 207 -1.00 -23.13 -2.55
CA ARG A 207 -1.80 -23.07 -3.77
C ARG A 207 -1.03 -22.37 -4.86
N SER A 208 -1.43 -22.61 -6.11
CA SER A 208 -0.81 -21.91 -7.22
C SER A 208 -1.29 -20.47 -7.25
N VAL A 209 -0.46 -19.60 -7.85
CA VAL A 209 -0.81 -18.19 -7.96
C VAL A 209 -2.12 -18.03 -8.71
N ASP A 210 -2.26 -18.74 -9.84
CA ASP A 210 -3.46 -18.57 -10.67
C ASP A 210 -4.72 -18.97 -9.90
N ASP A 211 -4.61 -20.00 -9.06
CA ASP A 211 -5.74 -20.46 -8.25
C ASP A 211 -6.16 -19.37 -7.27
N VAL A 212 -5.20 -18.79 -6.56
CA VAL A 212 -5.51 -17.69 -5.65
C VAL A 212 -6.08 -16.51 -6.40
N ILE A 213 -5.47 -16.14 -7.53
CA ILE A 213 -5.94 -14.97 -8.27
C ILE A 213 -7.38 -15.16 -8.75
N ALA A 214 -7.71 -16.37 -9.22
CA ALA A 214 -9.08 -16.63 -9.67
C ALA A 214 -10.08 -16.40 -8.54
N GLN A 215 -9.73 -16.83 -7.32
CA GLN A 215 -10.62 -16.64 -6.18
C GLN A 215 -10.70 -15.17 -5.80
N VAL A 216 -9.60 -14.43 -5.85
CA VAL A 216 -9.66 -13.00 -5.55
C VAL A 216 -10.60 -12.29 -6.52
N LYS A 217 -10.49 -12.61 -7.82
CA LYS A 217 -11.32 -11.94 -8.84
C LYS A 217 -12.80 -12.18 -8.60
N GLN A 218 -13.14 -13.37 -8.11
CA GLN A 218 -14.54 -13.71 -7.90
C GLN A 218 -15.08 -13.08 -6.62
N ILE A 219 -14.24 -12.90 -5.60
CA ILE A 219 -14.67 -12.20 -4.40
C ILE A 219 -14.86 -10.71 -4.70
N VAL A 220 -13.89 -10.12 -5.38
CA VAL A 220 -13.91 -8.69 -5.63
C VAL A 220 -14.94 -8.34 -6.70
N GLY A 221 -15.09 -9.19 -7.71
CA GLY A 221 -15.99 -8.85 -8.79
C GLY A 221 -15.53 -7.60 -9.51
N ASP A 222 -16.48 -6.70 -9.80
CA ASP A 222 -16.17 -5.49 -10.54
C ASP A 222 -16.13 -4.25 -9.66
N MET A 223 -16.21 -4.40 -8.33
CA MET A 223 -16.12 -3.25 -7.44
C MET A 223 -14.81 -2.49 -7.64
N PRO A 224 -14.81 -1.18 -7.41
CA PRO A 224 -13.54 -0.46 -7.29
C PRO A 224 -12.74 -1.00 -6.12
N VAL A 225 -11.42 -1.10 -6.31
CA VAL A 225 -10.54 -1.78 -5.38
C VAL A 225 -9.54 -0.78 -4.81
N TYR A 226 -9.38 -0.79 -3.50
CA TYR A 226 -8.24 -0.15 -2.86
C TYR A 226 -7.27 -1.27 -2.49
N LEU A 227 -6.03 -1.15 -2.94
CA LEU A 227 -4.98 -2.15 -2.73
C LEU A 227 -4.02 -1.68 -1.65
N THR A 228 -3.95 -2.40 -0.52
CA THR A 228 -3.10 -1.97 0.58
C THR A 228 -2.15 -3.11 0.94
N PHE A 229 -0.84 -2.84 0.88
CA PHE A 229 0.17 -3.88 1.06
C PHE A 229 1.00 -3.56 2.29
N ASP A 230 0.78 -4.34 3.36
CA ASP A 230 1.63 -4.30 4.54
C ASP A 230 2.84 -5.21 4.26
N ILE A 231 4.05 -4.64 4.35
CA ILE A 231 5.23 -5.41 3.94
C ILE A 231 5.42 -6.63 4.83
N ASP A 232 4.83 -6.64 6.03
CA ASP A 232 4.97 -7.82 6.88
C ASP A 232 4.13 -8.99 6.39
N CYS A 233 3.44 -8.83 5.26
CA CYS A 233 2.91 -9.99 4.55
C CYS A 233 4.05 -10.93 4.12
N LEU A 234 5.17 -10.36 3.70
CA LEU A 234 6.33 -11.16 3.35
C LEU A 234 6.91 -11.81 4.60
N ASP A 235 7.46 -13.02 4.43
CA ASP A 235 8.16 -13.68 5.51
C ASP A 235 9.31 -12.79 6.00
N PRO A 236 9.61 -12.82 7.30
CA PRO A 236 10.72 -11.99 7.81
C PRO A 236 12.07 -12.27 7.15
N ALA A 237 12.26 -13.44 6.52
CA ALA A 237 13.49 -13.63 5.75
C ALA A 237 13.58 -12.64 4.60
N PHE A 238 12.45 -12.28 4.01
CA PHE A 238 12.44 -11.34 2.88
C PHE A 238 12.17 -9.91 3.32
N ALA A 239 11.56 -9.72 4.49
CA ALA A 239 11.18 -8.39 4.98
C ALA A 239 11.44 -8.31 6.48
N PRO A 240 12.71 -8.41 6.90
CA PRO A 240 13.03 -8.26 8.32
C PRO A 240 12.75 -6.87 8.86
N GLY A 241 12.71 -5.86 8.00
CA GLY A 241 12.54 -4.49 8.43
C GLY A 241 11.09 -4.09 8.62
N THR A 242 10.47 -4.61 9.67
CA THR A 242 9.08 -4.29 9.93
C THR A 242 8.84 -4.41 11.44
N GLY A 243 7.87 -3.65 11.93
CA GLY A 243 7.65 -3.57 13.36
C GLY A 243 7.02 -4.79 13.99
N THR A 244 6.30 -5.60 13.21
CA THR A 244 5.52 -6.70 13.76
C THR A 244 5.71 -7.94 12.90
N PRO A 245 6.90 -8.56 12.96
CA PRO A 245 7.16 -9.73 12.11
C PRO A 245 6.45 -10.98 12.61
N VAL A 246 6.09 -11.83 11.65
CA VAL A 246 5.46 -13.14 11.90
C VAL A 246 6.05 -14.16 10.93
N ILE A 247 6.50 -15.32 11.44
CA ILE A 247 7.14 -16.28 10.54
C ILE A 247 6.11 -16.98 9.67
N GLY A 248 6.57 -17.67 8.64
CA GLY A 248 5.70 -18.43 7.77
C GLY A 248 5.00 -17.61 6.71
N GLY A 249 5.64 -16.54 6.25
CA GLY A 249 5.01 -15.65 5.28
C GLY A 249 5.31 -15.97 3.83
N LEU A 250 4.98 -15.02 2.97
CA LEU A 250 5.14 -15.16 1.53
C LEU A 250 6.57 -14.81 1.12
N THR A 251 7.03 -15.48 0.06
CA THR A 251 8.25 -15.04 -0.61
C THR A 251 7.97 -13.79 -1.44
N SER A 252 9.03 -13.05 -1.76
CA SER A 252 8.83 -11.89 -2.62
C SER A 252 8.44 -12.30 -4.03
N ASP A 253 8.94 -13.45 -4.50
CA ASP A 253 8.48 -14.04 -5.77
C ASP A 253 6.96 -14.23 -5.76
N ARG A 254 6.41 -14.87 -4.74
CA ARG A 254 4.97 -15.12 -4.76
C ARG A 254 4.20 -13.82 -4.66
N ALA A 255 4.67 -12.89 -3.82
CA ALA A 255 3.95 -11.63 -3.64
C ALA A 255 3.90 -10.83 -4.92
N ILE A 256 5.03 -10.72 -5.61
CA ILE A 256 5.01 -9.89 -6.85
C ILE A 256 4.15 -10.59 -7.91
N LYS A 257 4.19 -11.91 -7.96
CA LYS A 257 3.33 -12.61 -8.90
C LYS A 257 1.86 -12.39 -8.57
N LEU A 258 1.50 -12.40 -7.29
CA LEU A 258 0.11 -12.13 -6.92
C LEU A 258 -0.30 -10.72 -7.32
N VAL A 259 0.55 -9.75 -7.07
CA VAL A 259 0.24 -8.35 -7.44
C VAL A 259 0.07 -8.24 -8.97
N ARG A 260 0.94 -8.86 -9.75
CA ARG A 260 0.79 -8.82 -11.22
C ARG A 260 -0.55 -9.43 -11.62
N GLY A 261 -0.97 -10.51 -10.95
CA GLY A 261 -2.24 -11.12 -11.30
C GLY A 261 -3.45 -10.25 -11.03
N LEU A 262 -3.31 -9.16 -10.29
CA LEU A 262 -4.42 -8.25 -10.04
C LEU A 262 -4.65 -7.27 -11.18
N LYS A 263 -3.93 -7.44 -12.30
CA LYS A 263 -3.91 -6.43 -13.35
C LYS A 263 -5.30 -6.08 -13.86
N ASP A 264 -6.15 -7.08 -14.03
CA ASP A 264 -7.47 -6.83 -14.63
C ASP A 264 -8.48 -6.25 -13.65
N LEU A 265 -8.12 -6.03 -12.39
CA LEU A 265 -9.07 -5.42 -11.47
C LEU A 265 -9.11 -3.91 -11.64
N ASN A 266 -10.20 -3.30 -11.16
CA ASN A 266 -10.38 -1.84 -11.21
C ASN A 266 -9.81 -1.24 -9.92
N ILE A 267 -8.49 -1.10 -9.89
CA ILE A 267 -7.79 -0.63 -8.70
C ILE A 267 -7.71 0.89 -8.75
N VAL A 268 -8.38 1.55 -7.81
CA VAL A 268 -8.48 3.02 -7.85
C VAL A 268 -7.44 3.73 -7.00
N GLY A 269 -6.80 3.03 -6.07
CA GLY A 269 -5.75 3.63 -5.24
C GLY A 269 -5.00 2.53 -4.52
N MET A 270 -3.81 2.85 -4.06
CA MET A 270 -2.99 1.79 -3.44
C MET A 270 -1.93 2.37 -2.51
N ASP A 271 -1.48 1.55 -1.58
CA ASP A 271 -0.40 1.97 -0.69
C ASP A 271 0.49 0.79 -0.29
N VAL A 272 1.65 1.13 0.24
CA VAL A 272 2.61 0.18 0.79
C VAL A 272 3.06 0.73 2.14
N VAL A 273 2.88 -0.07 3.19
CA VAL A 273 3.10 0.42 4.57
C VAL A 273 3.97 -0.53 5.40
N GLU A 274 4.33 -0.04 6.57
CA GLU A 274 5.05 -0.77 7.65
C GLU A 274 6.52 -1.07 7.35
N VAL A 275 7.15 -0.35 6.43
CA VAL A 275 8.60 -0.59 6.26
C VAL A 275 9.28 0.11 7.43
N ALA A 276 10.06 -0.62 8.23
CA ALA A 276 10.76 -0.08 9.40
C ALA A 276 12.27 -0.19 9.15
N PRO A 277 12.90 0.85 8.61
CA PRO A 277 14.30 0.80 8.25
C PRO A 277 15.27 0.48 9.38
N ALA A 278 14.90 0.76 10.63
CA ALA A 278 15.81 0.44 11.73
C ALA A 278 16.02 -1.05 11.88
N TYR A 279 15.09 -1.87 11.38
CA TYR A 279 15.18 -3.32 11.41
C TYR A 279 15.49 -3.93 10.06
N ASP A 280 15.72 -3.09 9.05
CA ASP A 280 16.06 -3.61 7.71
C ASP A 280 17.47 -4.20 7.68
N GLN A 281 17.71 -5.11 6.76
CA GLN A 281 19.05 -5.74 6.63
C GLN A 281 19.48 -5.60 5.18
N SER A 282 20.48 -4.75 4.93
CA SER A 282 21.00 -4.47 3.56
C SER A 282 19.90 -3.95 2.62
N GLU A 283 18.94 -3.20 3.14
CA GLU A 283 17.81 -2.55 2.40
C GLU A 283 16.89 -3.55 1.69
N ILE A 284 16.88 -4.83 2.08
CA ILE A 284 16.04 -5.80 1.33
C ILE A 284 14.54 -5.51 1.50
N THR A 285 14.15 -5.11 2.70
CA THR A 285 12.71 -4.83 2.92
C THR A 285 12.29 -3.60 2.12
N ALA A 286 13.09 -2.54 2.15
CA ALA A 286 12.79 -1.33 1.38
C ALA A 286 12.75 -1.67 -0.11
N LEU A 287 13.70 -2.50 -0.57
CA LEU A 287 13.75 -2.92 -2.00
C LEU A 287 12.48 -3.69 -2.35
N ALA A 288 12.05 -4.62 -1.52
CA ALA A 288 10.82 -5.33 -1.84
C ALA A 288 9.64 -4.38 -1.89
N ALA A 289 9.57 -3.43 -0.95
CA ALA A 289 8.49 -2.45 -0.97
C ALA A 289 8.54 -1.59 -2.23
N ALA A 290 9.73 -1.13 -2.63
CA ALA A 290 9.85 -0.31 -3.84
C ALA A 290 9.47 -1.08 -5.08
N THR A 291 9.84 -2.36 -5.13
CA THR A 291 9.55 -3.18 -6.32
C THR A 291 8.05 -3.45 -6.42
N LEU A 292 7.41 -3.74 -5.28
CA LEU A 292 5.95 -3.98 -5.27
C LEU A 292 5.24 -2.69 -5.69
N ALA A 293 5.71 -1.55 -5.21
CA ALA A 293 5.09 -0.26 -5.54
C ALA A 293 5.22 0.01 -7.05
N LEU A 294 6.38 -0.28 -7.62
CA LEU A 294 6.58 -0.09 -9.08
C LEU A 294 5.66 -1.03 -9.85
N GLU A 295 5.50 -2.26 -9.36
CA GLU A 295 4.60 -3.25 -10.00
C GLU A 295 3.16 -2.72 -9.98
N MET A 296 2.75 -2.07 -8.90
CA MET A 296 1.39 -1.47 -8.82
C MET A 296 1.25 -0.41 -9.92
N LEU A 297 2.28 0.40 -10.17
CA LEU A 297 2.22 1.40 -11.27
C LEU A 297 2.16 0.67 -12.61
N TYR A 298 2.90 -0.42 -12.78
CA TYR A 298 2.88 -1.16 -14.06
C TYR A 298 1.50 -1.75 -14.33
N ILE A 299 0.82 -2.31 -13.33
CA ILE A 299 -0.50 -2.90 -13.63
C ILE A 299 -1.47 -1.78 -14.03
N GLN A 300 -1.29 -0.57 -13.52
CA GLN A 300 -2.11 0.55 -13.97
C GLN A 300 -1.75 0.95 -15.40
N ALA A 301 -0.45 1.04 -15.70
CA ALA A 301 -0.02 1.43 -17.04
C ALA A 301 -0.36 0.36 -18.07
N ALA A 302 -0.45 -0.91 -17.65
CA ALA A 302 -0.81 -1.96 -18.59
C ALA A 302 -2.22 -1.77 -19.17
N LYS A 303 -3.05 -0.96 -18.52
CA LYS A 303 -4.41 -0.72 -18.99
C LYS A 303 -4.48 0.33 -20.08
N LYS A 304 -3.45 1.16 -20.20
CA LYS A 304 -3.38 2.32 -21.12
C LYS A 304 -2.54 2.02 -22.37
#